data_6VVF
#
_entry.id   6VVF
#
_cell.length_a   88.550
_cell.length_b   60.230
_cell.length_c   37.920
_cell.angle_alpha   90.000
_cell.angle_beta   99.380
_cell.angle_gamma   90.000
#
_symmetry.space_group_name_H-M   'C 1 2 1'
#
loop_
_entity.id
_entity.type
_entity.pdbx_description
1 polymer Scabin
2 water water
#
_entity_poly.entity_id   1
_entity_poly.type   'polypeptide(L)'
_entity_poly.pdbx_seq_one_letter_code
;MGSSHHHHHHSSGENLYFQGSHMTATATSAKAAAPACPRFDDPVHAAADPRVDVERITPDPVWRTTCGTLYRSDSRGPAV
VFEQGFLPKDVIDGQYDIESYVLVNQPSPYVSTTYDHDLYKTWHKSGYNYYIDAPGGVDVNKTIGDRHKWADQVEVAFPG
GIRTEFVIGVCPVDKKTRTEKMSECVGNPHYEPWH
;
_entity_poly.pdbx_strand_id   A
#
# COMPACT_ATOMS: atom_id res chain seq x y z
N LYS A 31 7.77 -16.08 24.19
CA LYS A 31 7.18 -14.88 23.60
C LYS A 31 5.85 -14.56 24.27
N ALA A 32 4.93 -14.05 23.46
CA ALA A 32 3.54 -13.89 23.86
C ALA A 32 2.68 -14.04 22.61
N ALA A 33 1.37 -14.07 22.81
CA ALA A 33 0.41 -14.08 21.72
C ALA A 33 0.08 -12.63 21.35
N ALA A 34 -0.03 -12.36 20.06
CA ALA A 34 -0.22 -11.01 19.59
C ALA A 34 -1.62 -10.49 19.97
N PRO A 35 -1.75 -9.19 20.21
CA PRO A 35 -3.07 -8.59 20.39
C PRO A 35 -3.76 -8.22 19.08
N ALA A 36 -5.10 -8.23 19.13
CA ALA A 36 -5.91 -7.78 18.00
C ALA A 36 -5.54 -6.35 17.62
N CYS A 37 -6.10 -5.88 16.47
CA CYS A 37 -5.70 -4.55 16.02
C CYS A 37 -6.73 -3.51 16.42
N PRO A 38 -6.30 -2.26 16.64
CA PRO A 38 -7.27 -1.18 16.80
C PRO A 38 -8.12 -1.05 15.55
N ARG A 39 -9.43 -0.85 15.75
CA ARG A 39 -10.41 -0.70 14.67
C ARG A 39 -10.74 0.78 14.53
N PHE A 40 -10.38 1.38 13.40
CA PHE A 40 -10.69 2.79 13.19
C PHE A 40 -12.12 2.94 12.65
N ASP A 41 -12.78 4.03 13.03
CA ASP A 41 -14.14 4.27 12.58
C ASP A 41 -14.16 4.61 11.09
N ASP A 42 -13.25 5.48 10.66
CA ASP A 42 -13.16 5.93 9.28
C ASP A 42 -12.33 4.96 8.47
N PRO A 43 -12.89 4.30 7.45
CA PRO A 43 -12.10 3.29 6.71
C PRO A 43 -10.98 3.89 5.89
N VAL A 44 -10.95 5.21 5.66
CA VAL A 44 -9.86 5.84 4.93
C VAL A 44 -9.13 6.83 5.84
N HIS A 45 -9.04 6.48 7.13
CA HIS A 45 -8.27 7.29 8.05
C HIS A 45 -6.86 7.52 7.55
N ALA A 46 -6.28 6.53 6.86
CA ALA A 46 -4.91 6.60 6.40
C ALA A 46 -4.71 7.53 5.21
N ALA A 47 -5.77 8.07 4.64
CA ALA A 47 -5.67 8.69 3.32
C ALA A 47 -4.80 9.94 3.32
N ALA A 48 -3.94 10.05 2.31
CA ALA A 48 -3.18 11.26 2.08
C ALA A 48 -4.00 12.31 1.35
N ASP A 49 -5.00 11.87 0.59
CA ASP A 49 -5.89 12.76 -0.16
C ASP A 49 -7.29 12.46 0.35
N PRO A 50 -7.79 13.21 1.33
CA PRO A 50 -9.09 12.88 1.92
C PRO A 50 -10.26 13.16 1.02
N ARG A 51 -10.04 13.75 -0.15
CA ARG A 51 -11.10 13.97 -1.12
C ARG A 51 -11.65 12.67 -1.67
N VAL A 52 -11.03 11.54 -1.38
CA VAL A 52 -11.47 10.28 -1.95
C VAL A 52 -12.91 10.01 -1.52
N ASP A 53 -13.68 9.44 -2.44
CA ASP A 53 -15.12 9.22 -2.30
C ASP A 53 -15.38 7.74 -2.08
N VAL A 54 -15.49 7.33 -0.81
CA VAL A 54 -15.62 5.93 -0.45
C VAL A 54 -16.87 5.31 -1.04
N GLU A 55 -17.94 6.09 -1.23
CA GLU A 55 -19.16 5.53 -1.77
C GLU A 55 -19.03 5.19 -3.25
N ARG A 56 -18.01 5.71 -3.92
CA ARG A 56 -17.77 5.40 -5.32
C ARG A 56 -17.01 4.09 -5.53
N ILE A 57 -16.47 3.50 -4.47
CA ILE A 57 -15.68 2.28 -4.62
C ILE A 57 -16.59 1.16 -5.06
N THR A 58 -16.17 0.43 -6.09
CA THR A 58 -16.86 -0.76 -6.52
C THR A 58 -15.85 -1.88 -6.76
N PRO A 59 -16.25 -3.13 -6.53
CA PRO A 59 -17.47 -3.61 -5.87
C PRO A 59 -17.45 -3.23 -4.41
N ASP A 60 -18.45 -3.65 -3.65
CA ASP A 60 -18.50 -3.27 -2.24
C ASP A 60 -17.19 -3.70 -1.59
N PRO A 61 -16.44 -2.79 -1.01
CA PRO A 61 -15.10 -3.16 -0.53
C PRO A 61 -15.15 -4.03 0.72
N VAL A 62 -14.28 -5.03 0.75
CA VAL A 62 -13.95 -5.75 1.97
C VAL A 62 -12.69 -5.13 2.54
N TRP A 63 -12.83 -4.44 3.68
CA TRP A 63 -11.71 -3.72 4.27
C TRP A 63 -10.80 -4.67 5.01
N ARG A 64 -9.50 -4.41 4.92
CA ARG A 64 -8.53 -5.14 5.71
C ARG A 64 -8.71 -4.80 7.18
N THR A 65 -8.74 -5.81 8.03
CA THR A 65 -8.87 -5.61 9.47
C THR A 65 -7.65 -6.08 10.24
N THR A 66 -6.61 -6.58 9.58
CA THR A 66 -5.35 -6.87 10.24
C THR A 66 -4.47 -5.62 10.22
N CYS A 67 -3.32 -5.70 10.90
CA CYS A 67 -2.49 -4.52 11.05
C CYS A 67 -1.02 -4.90 11.00
N GLY A 68 -0.68 -5.88 10.16
CA GLY A 68 0.71 -6.24 9.94
C GLY A 68 1.34 -5.28 8.96
N THR A 69 2.67 -5.38 8.86
CA THR A 69 3.38 -4.54 7.91
C THR A 69 2.93 -4.89 6.50
N LEU A 70 2.76 -3.86 5.67
CA LEU A 70 2.52 -4.00 4.25
C LEU A 70 3.69 -3.37 3.51
N TYR A 71 3.72 -3.61 2.19
CA TYR A 71 4.89 -3.24 1.39
C TYR A 71 4.41 -2.63 0.10
N ARG A 72 5.25 -1.78 -0.47
CA ARG A 72 5.00 -1.22 -1.78
C ARG A 72 6.32 -1.07 -2.52
N SER A 73 6.39 -1.68 -3.71
CA SER A 73 7.47 -1.40 -4.64
C SER A 73 7.19 -0.09 -5.34
N ASP A 74 8.17 0.82 -5.32
CA ASP A 74 7.97 2.10 -5.99
C ASP A 74 9.33 2.60 -6.44
N SER A 75 9.38 3.18 -7.64
CA SER A 75 10.63 3.78 -8.07
C SER A 75 10.85 5.16 -7.49
N ARG A 76 9.82 5.80 -6.96
CA ARG A 76 9.99 7.12 -6.39
C ARG A 76 10.79 7.04 -5.10
N GLY A 77 11.61 8.07 -4.88
CA GLY A 77 12.59 8.03 -3.81
C GLY A 77 12.04 8.47 -2.47
N PRO A 78 12.74 8.08 -1.39
CA PRO A 78 12.18 8.36 -0.05
C PRO A 78 12.12 9.83 0.29
N ALA A 79 13.04 10.64 -0.25
CA ALA A 79 12.95 12.07 0.01
C ALA A 79 11.58 12.59 -0.36
N VAL A 80 11.00 12.07 -1.44
CA VAL A 80 9.66 12.47 -1.84
C VAL A 80 8.59 11.75 -1.01
N VAL A 81 8.69 10.44 -0.88
CA VAL A 81 7.61 9.70 -0.23
C VAL A 81 7.54 10.06 1.25
N PHE A 82 8.69 10.23 1.91
CA PHE A 82 8.65 10.58 3.33
C PHE A 82 8.04 11.97 3.52
N GLU A 83 8.21 12.87 2.57
CA GLU A 83 7.60 14.19 2.67
C GLU A 83 6.11 14.16 2.37
N GLN A 84 5.69 13.50 1.28
CA GLN A 84 4.30 13.56 0.83
C GLN A 84 3.44 12.37 1.24
N GLY A 85 4.04 11.30 1.70
CA GLY A 85 3.29 10.04 1.76
C GLY A 85 3.12 9.51 0.35
N PHE A 86 2.19 8.57 0.19
CA PHE A 86 1.81 8.05 -1.12
C PHE A 86 0.52 8.69 -1.57
N LEU A 87 0.61 9.61 -2.55
CA LEU A 87 -0.59 10.22 -3.06
C LEU A 87 -1.13 9.43 -4.26
N PRO A 88 -2.44 9.31 -4.39
CA PRO A 88 -2.99 8.62 -5.56
C PRO A 88 -2.98 9.54 -6.77
N LYS A 89 -3.04 8.91 -7.94
CA LYS A 89 -2.97 9.64 -9.21
C LYS A 89 -4.19 10.53 -9.44
N ASP A 90 -5.40 10.03 -9.15
CA ASP A 90 -6.60 10.82 -9.45
C ASP A 90 -7.80 10.38 -8.62
N VAL A 91 -8.05 11.10 -7.52
CA VAL A 91 -9.22 10.81 -6.68
C VAL A 91 -10.52 11.38 -7.25
N ILE A 92 -10.44 12.20 -8.29
CA ILE A 92 -11.62 12.86 -8.82
C ILE A 92 -12.24 12.04 -9.92
N ASP A 93 -11.50 11.87 -11.01
CA ASP A 93 -11.96 11.16 -12.19
C ASP A 93 -11.19 9.88 -12.43
N GLY A 94 -10.45 9.41 -11.43
CA GLY A 94 -9.77 8.16 -11.59
C GLY A 94 -10.72 6.97 -11.56
N GLN A 95 -10.15 5.80 -11.81
CA GLN A 95 -10.91 4.56 -11.89
C GLN A 95 -11.20 4.03 -10.49
N TYR A 96 -12.45 4.16 -10.04
CA TYR A 96 -12.86 3.67 -8.73
C TYR A 96 -13.24 2.20 -8.72
N ASP A 97 -13.36 1.56 -9.89
CA ASP A 97 -13.66 0.13 -9.89
C ASP A 97 -12.38 -0.66 -9.64
N ILE A 98 -12.36 -1.43 -8.55
CA ILE A 98 -11.12 -2.10 -8.13
C ILE A 98 -10.70 -3.14 -9.17
N GLU A 99 -11.65 -3.90 -9.71
CA GLU A 99 -11.29 -4.90 -10.71
C GLU A 99 -10.68 -4.27 -11.95
N SER A 100 -11.28 -3.17 -12.43
N SER A 100 -11.29 -3.18 -12.43
CA SER A 100 -10.73 -2.48 -13.59
CA SER A 100 -10.73 -2.48 -13.59
C SER A 100 -9.33 -1.95 -13.29
C SER A 100 -9.33 -1.96 -13.29
N TYR A 101 -9.15 -1.37 -12.10
CA TYR A 101 -7.86 -0.79 -11.73
C TYR A 101 -6.79 -1.87 -11.64
N VAL A 102 -7.13 -3.00 -11.03
CA VAL A 102 -6.15 -4.09 -10.92
C VAL A 102 -5.79 -4.61 -12.30
N LEU A 103 -6.79 -4.77 -13.16
CA LEU A 103 -6.52 -5.43 -14.43
C LEU A 103 -5.90 -4.50 -15.47
N VAL A 104 -6.19 -3.19 -15.44
CA VAL A 104 -5.63 -2.29 -16.46
C VAL A 104 -4.86 -1.08 -15.94
N ASN A 105 -4.97 -0.75 -14.67
CA ASN A 105 -4.08 0.24 -14.05
C ASN A 105 -4.12 1.61 -14.72
N GLN A 106 -5.31 2.13 -14.91
CA GLN A 106 -5.50 3.52 -15.22
C GLN A 106 -5.27 4.36 -13.98
N PRO A 107 -5.15 5.67 -14.14
CA PRO A 107 -5.13 6.57 -12.98
C PRO A 107 -6.34 6.30 -12.10
N SER A 108 -6.12 6.29 -10.78
CA SER A 108 -7.13 5.81 -9.85
C SER A 108 -6.99 6.55 -8.52
N PRO A 109 -7.99 6.44 -7.65
CA PRO A 109 -7.86 6.97 -6.28
C PRO A 109 -7.03 6.11 -5.36
N TYR A 110 -6.51 5.00 -5.84
CA TYR A 110 -5.90 3.97 -4.99
C TYR A 110 -4.40 4.03 -5.05
N VAL A 111 -3.75 3.72 -3.92
CA VAL A 111 -2.34 3.37 -3.91
C VAL A 111 -2.26 1.91 -3.49
N SER A 112 -1.65 1.07 -4.33
CA SER A 112 -1.60 -0.35 -4.05
CA SER A 112 -1.59 -0.35 -4.07
C SER A 112 -0.40 -0.69 -3.17
N THR A 113 -0.61 -1.64 -2.28
CA THR A 113 0.40 -2.23 -1.42
C THR A 113 0.18 -3.74 -1.47
N THR A 114 1.06 -4.48 -0.80
CA THR A 114 0.95 -5.93 -0.76
C THR A 114 1.20 -6.44 0.65
N TYR A 115 0.58 -7.57 0.96
CA TYR A 115 0.94 -8.32 2.17
C TYR A 115 2.31 -8.98 2.08
N ASP A 116 2.89 -9.09 0.88
CA ASP A 116 4.03 -9.95 0.61
C ASP A 116 5.32 -9.14 0.64
N HIS A 117 6.13 -9.37 1.68
CA HIS A 117 7.40 -8.67 1.82
C HIS A 117 8.26 -8.83 0.58
N ASP A 118 8.17 -9.98 -0.08
CA ASP A 118 9.08 -10.35 -1.15
C ASP A 118 8.56 -10.01 -2.55
N LEU A 119 7.42 -9.38 -2.66
CA LEU A 119 6.87 -9.12 -3.99
C LEU A 119 7.77 -8.20 -4.80
N TYR A 120 8.59 -7.39 -4.13
CA TYR A 120 9.57 -6.56 -4.82
C TYR A 120 10.44 -7.37 -5.77
N LYS A 121 10.62 -8.67 -5.49
CA LYS A 121 11.49 -9.48 -6.36
C LYS A 121 10.88 -9.69 -7.74
N THR A 122 9.58 -9.54 -7.87
CA THR A 122 8.89 -9.74 -9.15
C THR A 122 8.78 -8.46 -9.98
N TRP A 123 9.25 -7.32 -9.45
CA TRP A 123 9.05 -6.03 -10.09
C TRP A 123 10.27 -5.65 -10.91
N HIS A 124 10.02 -5.27 -12.16
CA HIS A 124 11.06 -4.84 -13.07
C HIS A 124 11.56 -3.47 -12.64
N LYS A 125 12.78 -3.41 -12.11
CA LYS A 125 13.45 -2.15 -12.00
C LYS A 125 12.92 -1.18 -10.96
N SER A 126 11.86 -1.50 -10.23
CA SER A 126 11.39 -0.52 -9.26
C SER A 126 12.39 -0.50 -8.12
N GLY A 127 12.79 0.71 -7.74
CA GLY A 127 14.02 0.89 -7.05
C GLY A 127 13.96 0.55 -5.59
N TYR A 128 12.74 0.54 -5.00
CA TYR A 128 12.62 0.56 -3.54
C TYR A 128 11.51 -0.37 -3.07
N ASN A 129 11.70 -0.93 -1.85
CA ASN A 129 10.65 -1.73 -1.18
C ASN A 129 10.29 -0.90 0.04
N TYR A 130 9.14 -0.23 -0.02
CA TYR A 130 8.65 0.55 1.11
C TYR A 130 7.91 -0.33 2.12
N TYR A 131 8.08 -0.01 3.40
CA TYR A 131 7.45 -0.69 4.51
C TYR A 131 6.38 0.24 5.09
N ILE A 132 5.17 -0.29 5.26
CA ILE A 132 3.98 0.50 5.61
C ILE A 132 3.29 -0.11 6.83
N ASP A 133 2.86 0.75 7.75
CA ASP A 133 2.09 0.36 8.94
C ASP A 133 0.90 1.30 8.99
N ALA A 134 -0.19 0.94 8.32
CA ALA A 134 -1.33 1.81 8.12
C ALA A 134 -2.58 1.00 8.40
N PRO A 135 -3.59 1.63 8.99
CA PRO A 135 -4.87 0.95 9.18
C PRO A 135 -5.64 0.90 7.88
N GLY A 136 -6.42 -0.17 7.72
CA GLY A 136 -7.44 -0.19 6.70
C GLY A 136 -6.91 -0.60 5.34
N GLY A 137 -7.42 0.02 4.30
CA GLY A 137 -7.17 -0.46 2.96
C GLY A 137 -8.18 -1.50 2.51
N VAL A 138 -8.39 -1.59 1.21
CA VAL A 138 -9.31 -2.55 0.62
C VAL A 138 -8.54 -3.81 0.28
N ASP A 139 -8.94 -4.94 0.84
CA ASP A 139 -8.30 -6.22 0.55
C ASP A 139 -8.75 -6.69 -0.81
N VAL A 140 -7.85 -6.65 -1.80
CA VAL A 140 -8.28 -6.83 -3.17
C VAL A 140 -8.86 -8.23 -3.36
N ASN A 141 -8.15 -9.26 -2.92
CA ASN A 141 -8.63 -10.62 -3.18
C ASN A 141 -9.93 -10.92 -2.42
N LYS A 142 -10.11 -10.34 -1.24
CA LYS A 142 -11.37 -10.57 -0.55
C LYS A 142 -12.52 -9.86 -1.22
N THR A 143 -12.22 -8.76 -1.93
CA THR A 143 -13.21 -7.92 -2.58
C THR A 143 -13.59 -8.43 -3.97
N ILE A 144 -12.63 -8.86 -4.78
CA ILE A 144 -12.92 -9.33 -6.14
C ILE A 144 -12.60 -10.81 -6.31
N GLY A 145 -12.27 -11.52 -5.24
CA GLY A 145 -11.94 -12.93 -5.31
C GLY A 145 -10.48 -13.19 -5.62
N ASP A 146 -10.08 -14.46 -5.49
CA ASP A 146 -8.69 -14.86 -5.68
C ASP A 146 -8.47 -15.61 -7.00
N ARG A 147 -9.45 -15.52 -7.92
CA ARG A 147 -9.50 -16.16 -9.22
C ARG A 147 -8.77 -15.40 -10.30
N HIS A 148 -8.51 -14.13 -10.07
CA HIS A 148 -8.11 -13.27 -11.16
C HIS A 148 -6.62 -13.34 -11.39
N LYS A 149 -6.22 -12.66 -12.47
CA LYS A 149 -4.87 -12.78 -13.00
C LYS A 149 -3.81 -12.42 -11.98
N TRP A 150 -4.04 -11.37 -11.21
CA TRP A 150 -3.04 -10.83 -10.31
C TRP A 150 -3.30 -11.21 -8.86
N ALA A 151 -4.05 -12.29 -8.62
CA ALA A 151 -4.35 -12.66 -7.24
C ALA A 151 -3.09 -12.96 -6.46
N ASP A 152 -2.01 -13.39 -7.14
CA ASP A 152 -0.77 -13.69 -6.44
CA ASP A 152 -0.73 -13.68 -6.52
C ASP A 152 -0.05 -12.44 -5.95
N GLN A 153 -0.55 -11.24 -6.25
CA GLN A 153 0.03 -10.02 -5.72
C GLN A 153 -0.45 -9.73 -4.29
N VAL A 154 -1.49 -10.44 -3.83
CA VAL A 154 -2.09 -10.29 -2.50
C VAL A 154 -2.09 -8.83 -2.11
N GLU A 155 -2.82 -8.05 -2.89
CA GLU A 155 -2.80 -6.59 -2.83
C GLU A 155 -3.78 -6.02 -1.82
N VAL A 156 -3.41 -4.87 -1.26
CA VAL A 156 -4.30 -4.04 -0.46
C VAL A 156 -4.27 -2.65 -1.06
N ALA A 157 -5.42 -2.15 -1.47
CA ALA A 157 -5.55 -0.90 -2.21
C ALA A 157 -6.03 0.19 -1.27
N PHE A 158 -5.25 1.25 -1.13
CA PHE A 158 -5.60 2.30 -0.19
C PHE A 158 -6.31 3.44 -0.90
N PRO A 159 -7.60 3.63 -0.69
CA PRO A 159 -8.31 4.76 -1.31
C PRO A 159 -7.88 6.07 -0.66
N GLY A 160 -7.46 7.02 -1.49
CA GLY A 160 -6.85 8.24 -1.01
C GLY A 160 -5.39 8.13 -0.68
N GLY A 161 -4.77 7.00 -0.92
CA GLY A 161 -3.38 6.92 -0.63
C GLY A 161 -3.12 6.72 0.86
N ILE A 162 -1.90 7.09 1.24
CA ILE A 162 -1.32 6.74 2.54
C ILE A 162 -0.49 7.91 3.03
N ARG A 163 -0.88 8.49 4.17
CA ARG A 163 -0.11 9.56 4.76
C ARG A 163 1.28 9.10 5.22
N THR A 164 2.24 10.04 5.20
CA THR A 164 3.60 9.71 5.57
C THR A 164 3.69 9.13 6.99
N GLU A 165 2.78 9.51 7.90
N GLU A 165 2.76 9.54 7.86
CA GLU A 165 2.89 8.97 9.26
CA GLU A 165 2.64 9.04 9.24
C GLU A 165 2.74 7.45 9.29
C GLU A 165 2.63 7.52 9.31
N PHE A 166 2.18 6.87 8.23
CA PHE A 166 2.00 5.43 8.20
C PHE A 166 3.03 4.73 7.32
N VAL A 167 4.04 5.45 6.84
CA VAL A 167 5.15 4.85 6.11
C VAL A 167 6.30 4.66 7.09
N ILE A 168 6.64 3.39 7.33
CA ILE A 168 7.69 3.10 8.29
C ILE A 168 9.05 3.56 7.76
N GLY A 169 9.34 3.21 6.53
CA GLY A 169 10.69 3.31 6.03
C GLY A 169 10.78 2.60 4.69
N VAL A 170 12.01 2.35 4.25
CA VAL A 170 12.26 1.84 2.91
C VAL A 170 13.60 1.13 2.87
N CYS A 171 13.68 0.12 2.01
CA CYS A 171 14.97 -0.46 1.64
C CYS A 171 15.13 -0.38 0.14
N PRO A 172 16.26 0.12 -0.35
CA PRO A 172 16.51 0.08 -1.78
C PRO A 172 16.75 -1.35 -2.24
N VAL A 173 16.49 -1.60 -3.53
CA VAL A 173 16.58 -2.93 -4.10
C VAL A 173 17.73 -2.96 -5.09
N ASP A 174 18.59 -3.97 -4.97
CA ASP A 174 19.63 -4.22 -5.98
C ASP A 174 18.97 -4.90 -7.16
N LYS A 175 18.93 -4.23 -8.30
CA LYS A 175 18.14 -4.77 -9.40
C LYS A 175 18.70 -6.09 -9.92
N LYS A 176 20.03 -6.24 -9.96
CA LYS A 176 20.63 -7.42 -10.60
C LYS A 176 20.36 -8.70 -9.80
N THR A 177 20.36 -8.63 -8.45
CA THR A 177 20.11 -9.80 -7.63
C THR A 177 18.70 -9.85 -7.05
N ARG A 178 17.92 -8.79 -7.22
CA ARG A 178 16.55 -8.77 -6.71
C ARG A 178 16.58 -8.98 -5.20
N THR A 179 17.48 -8.26 -4.54
CA THR A 179 17.64 -8.31 -3.09
C THR A 179 17.61 -6.91 -2.50
N GLU A 180 17.25 -6.82 -1.21
CA GLU A 180 17.27 -5.54 -0.52
C GLU A 180 18.71 -5.20 -0.11
N LYS A 181 19.08 -3.94 -0.26
CA LYS A 181 20.38 -3.43 0.23
C LYS A 181 20.15 -2.99 1.67
N MET A 182 20.30 -3.93 2.60
N MET A 182 20.30 -3.94 2.60
CA MET A 182 19.81 -3.72 3.95
CA MET A 182 19.81 -3.72 3.95
C MET A 182 20.69 -2.82 4.79
C MET A 182 20.63 -2.69 4.70
N SER A 183 21.92 -2.53 4.36
CA SER A 183 22.68 -1.46 5.00
C SER A 183 22.29 -0.08 4.51
N GLU A 184 21.43 0.02 3.50
CA GLU A 184 20.95 1.28 2.97
C GLU A 184 19.47 1.51 3.23
N CYS A 185 18.81 0.67 4.04
CA CYS A 185 17.44 0.99 4.43
C CYS A 185 17.43 2.29 5.22
N VAL A 186 16.28 2.96 5.20
N VAL A 186 16.30 2.99 5.20
CA VAL A 186 16.11 4.26 5.86
CA VAL A 186 16.18 4.22 5.96
C VAL A 186 14.77 4.26 6.58
C VAL A 186 14.79 4.32 6.56
N GLY A 187 14.74 4.75 7.82
CA GLY A 187 13.49 4.96 8.49
C GLY A 187 12.94 6.33 8.16
N ASN A 188 11.61 6.40 8.13
CA ASN A 188 10.90 7.64 7.88
C ASN A 188 10.81 8.44 9.17
N PRO A 189 11.41 9.64 9.24
CA PRO A 189 11.33 10.40 10.50
C PRO A 189 9.91 10.78 10.87
N HIS A 190 8.99 10.74 9.92
CA HIS A 190 7.60 11.08 10.21
C HIS A 190 6.75 9.88 10.62
N TYR A 191 7.31 8.67 10.64
CA TYR A 191 6.51 7.51 11.02
C TYR A 191 6.00 7.70 12.43
N GLU A 192 4.72 7.42 12.64
CA GLU A 192 4.09 7.49 13.98
C GLU A 192 3.47 6.17 14.40
N PRO A 193 4.15 5.36 15.22
CA PRO A 193 3.56 4.10 15.63
C PRO A 193 2.19 4.33 16.25
N TRP A 194 1.27 3.38 16.02
CA TRP A 194 -0.08 3.52 16.54
C TRP A 194 -0.65 2.22 17.14
N HIS A 195 0.13 1.17 17.28
CA HIS A 195 -0.38 -0.07 17.89
C HIS A 195 0.82 -0.92 18.28
#